data_6S2S
#
_entry.id   6S2S
#
_cell.length_a   57.930
_cell.length_b   57.930
_cell.length_c   101.320
_cell.angle_alpha   90.00
_cell.angle_beta   90.00
_cell.angle_gamma   90.00
#
_symmetry.space_group_name_H-M   'P 41 21 2'
#
loop_
_entity.id
_entity.type
_entity.pdbx_description
1 polymer 'Myelin P2 protein'
2 non-polymer 'CITRIC ACID'
3 non-polymer 'PALMITIC ACID'
4 non-polymer 'VACCENIC ACID'
5 water water
#
_entity_poly.entity_id   1
_entity_poly.type   'polypeptide(L)'
_entity_poly.pdbx_seq_one_letter_code
;GMSNKFLGTWKLVSSENFDDYMKALGVGLATRKLGNLAKPTVIISKKGDIITIRTESTFKNTEISFKLGQEFEETTADNR
KTKSIVTLQRGSLNQVQRWDGKETTIKRKLVNGKMVAECKMKGVVCTRIYEKV
;
_entity_poly.pdbx_strand_id   A
#
loop_
_chem_comp.id
_chem_comp.type
_chem_comp.name
_chem_comp.formula
CIT non-polymer 'CITRIC ACID' 'C6 H8 O7'
PLM non-polymer 'PALMITIC ACID' 'C16 H32 O2'
VCA non-polymer 'VACCENIC ACID' 'C18 H34 O2'
#
# COMPACT_ATOMS: atom_id res chain seq x y z
N GLY A 1 3.53 -1.05 19.73
CA GLY A 1 2.66 -1.19 18.55
C GLY A 1 2.98 -0.10 17.57
N MET A 2 2.09 0.04 16.61
CA MET A 2 2.29 1.04 15.57
C MET A 2 2.39 2.43 16.22
N SER A 3 3.31 3.26 15.77
CA SER A 3 3.36 4.59 16.30
C SER A 3 2.06 5.34 16.06
N ASN A 4 1.64 6.12 17.06
CA ASN A 4 0.49 6.99 16.89
C ASN A 4 0.72 8.04 15.84
N LYS A 5 1.97 8.31 15.45
N LYS A 5 1.98 8.31 15.48
CA LYS A 5 2.23 9.31 14.41
CA LYS A 5 2.29 9.26 14.42
C LYS A 5 1.73 8.87 13.05
C LYS A 5 1.78 8.84 13.03
N PHE A 6 1.43 7.56 12.86
CA PHE A 6 0.78 7.12 11.63
C PHE A 6 -0.66 7.55 11.53
N LEU A 7 -1.32 7.79 12.67
CA LEU A 7 -2.76 7.99 12.67
C LEU A 7 -3.10 9.32 12.02
N GLY A 8 -4.07 9.29 11.13
CA GLY A 8 -4.58 10.48 10.46
C GLY A 8 -4.69 10.26 8.98
N THR A 9 -4.76 11.38 8.27
CA THR A 9 -5.00 11.41 6.85
C THR A 9 -3.75 11.88 6.14
N TRP A 10 -3.41 11.17 5.07
CA TRP A 10 -2.19 11.34 4.32
C TRP A 10 -2.55 11.55 2.83
N LYS A 11 -1.86 12.44 2.16
CA LYS A 11 -2.12 12.71 0.75
C LYS A 11 -0.88 12.42 -0.08
N LEU A 12 -1.06 11.69 -1.18
CA LEU A 12 0.07 11.42 -2.06
C LEU A 12 0.59 12.70 -2.67
N VAL A 13 1.91 12.93 -2.57
CA VAL A 13 2.55 14.07 -3.19
C VAL A 13 3.62 13.68 -4.20
N SER A 14 4.11 12.45 -4.20
N SER A 14 4.13 12.46 -4.18
CA SER A 14 5.10 12.02 -5.15
CA SER A 14 5.01 12.05 -5.27
C SER A 14 4.97 10.53 -5.34
C SER A 14 5.05 10.54 -5.36
N SER A 15 5.16 10.06 -6.57
CA SER A 15 5.14 8.66 -6.88
C SER A 15 6.20 8.37 -7.93
N GLU A 16 7.14 7.48 -7.63
N GLU A 16 7.06 7.44 -7.64
CA GLU A 16 8.14 7.00 -8.57
CA GLU A 16 8.20 7.10 -8.48
C GLU A 16 7.94 5.54 -8.93
C GLU A 16 8.13 5.63 -8.81
N ASN A 17 8.02 5.23 -10.23
N ASN A 17 8.05 5.31 -10.10
CA ASN A 17 7.98 3.86 -10.71
CA ASN A 17 8.07 3.95 -10.63
C ASN A 17 6.69 3.13 -10.44
C ASN A 17 6.77 3.17 -10.45
N PHE A 18 5.62 3.87 -10.26
CA PHE A 18 4.37 3.16 -10.04
C PHE A 18 3.89 2.42 -11.28
N ASP A 19 4.16 2.95 -12.47
CA ASP A 19 3.69 2.26 -13.68
C ASP A 19 4.32 0.88 -13.76
N ASP A 20 5.66 0.80 -13.56
CA ASP A 20 6.33 -0.49 -13.62
C ASP A 20 5.88 -1.39 -12.50
N TYR A 21 5.59 -0.85 -11.32
CA TYR A 21 5.07 -1.67 -10.24
C TYR A 21 3.71 -2.29 -10.61
N MET A 22 2.81 -1.46 -11.13
CA MET A 22 1.54 -2.00 -11.60
C MET A 22 1.72 -3.02 -12.71
N LYS A 23 2.65 -2.78 -13.64
CA LYS A 23 2.90 -3.78 -14.67
C LYS A 23 3.28 -5.09 -14.05
N ALA A 24 4.16 -5.06 -13.06
CA ALA A 24 4.62 -6.27 -12.40
C ALA A 24 3.48 -7.02 -11.72
N LEU A 25 2.47 -6.32 -11.24
CA LEU A 25 1.27 -6.89 -10.66
C LEU A 25 0.30 -7.45 -11.68
N GLY A 26 0.54 -7.20 -12.96
CA GLY A 26 -0.36 -7.66 -14.03
C GLY A 26 -1.48 -6.71 -14.36
N VAL A 27 -1.38 -5.46 -13.97
CA VAL A 27 -2.43 -4.47 -14.24
C VAL A 27 -2.34 -4.04 -15.69
N GLY A 28 -3.46 -3.99 -16.38
CA GLY A 28 -3.48 -3.61 -17.79
C GLY A 28 -3.42 -2.12 -18.03
N LEU A 29 -3.24 -1.75 -19.29
CA LEU A 29 -2.88 -0.40 -19.65
C LEU A 29 -3.92 0.63 -19.24
N ALA A 30 -5.19 0.43 -19.56
CA ALA A 30 -6.16 1.46 -19.25
C ALA A 30 -6.22 1.71 -17.74
N THR A 31 -6.15 0.63 -16.97
CA THR A 31 -6.15 0.76 -15.51
C THR A 31 -4.90 1.48 -15.04
N ARG A 32 -3.75 1.13 -15.60
CA ARG A 32 -2.52 1.82 -15.23
C ARG A 32 -2.59 3.30 -15.52
N LYS A 33 -3.12 3.66 -16.68
N LYS A 33 -3.22 3.68 -16.63
N LYS A 33 -3.20 3.71 -16.64
CA LYS A 33 -3.20 5.08 -16.97
CA LYS A 33 -3.25 5.10 -16.98
CA LYS A 33 -3.24 5.13 -16.94
C LYS A 33 -3.96 5.85 -15.88
C LYS A 33 -4.01 5.89 -15.92
C LYS A 33 -3.94 5.84 -15.81
N LEU A 34 -5.07 5.29 -15.39
CA LEU A 34 -5.83 5.92 -14.32
C LEU A 34 -5.06 5.80 -13.00
N GLY A 35 -4.39 4.70 -12.75
CA GLY A 35 -3.59 4.58 -11.53
C GLY A 35 -2.46 5.58 -11.46
N ASN A 36 -1.83 5.87 -12.61
CA ASN A 36 -0.73 6.83 -12.64
C ASN A 36 -1.21 8.25 -12.41
N LEU A 37 -2.47 8.53 -12.72
CA LEU A 37 -3.05 9.85 -12.48
C LEU A 37 -3.63 10.01 -11.08
N ALA A 38 -3.89 8.92 -10.37
CA ALA A 38 -4.52 8.99 -9.08
C ALA A 38 -3.58 9.59 -8.06
N LYS A 39 -4.16 10.38 -7.14
N LYS A 39 -4.11 10.42 -7.18
CA LYS A 39 -3.40 10.96 -6.03
CA LYS A 39 -3.38 10.95 -6.03
C LYS A 39 -4.22 10.68 -4.80
C LYS A 39 -4.18 10.67 -4.78
N PRO A 40 -4.14 9.46 -4.26
CA PRO A 40 -5.05 9.08 -3.20
C PRO A 40 -4.76 9.79 -1.87
N THR A 41 -5.82 9.76 -1.05
CA THR A 41 -5.76 9.96 0.37
CA THR A 41 -5.63 9.96 0.39
C THR A 41 -5.68 8.60 1.06
N VAL A 42 -4.88 8.48 2.08
CA VAL A 42 -4.77 7.27 2.88
C VAL A 42 -5.05 7.65 4.32
N ILE A 43 -6.04 7.01 4.92
CA ILE A 43 -6.49 7.31 6.27
CA ILE A 43 -6.47 7.33 6.27
C ILE A 43 -6.13 6.12 7.13
N ILE A 44 -5.30 6.33 8.15
CA ILE A 44 -4.88 5.28 9.06
C ILE A 44 -5.53 5.56 10.39
N SER A 45 -6.22 4.56 10.92
CA SER A 45 -6.93 4.69 12.19
C SER A 45 -6.78 3.41 12.98
N LYS A 46 -7.27 3.40 14.21
N LYS A 46 -7.12 3.51 14.26
CA LYS A 46 -7.05 2.24 15.08
CA LYS A 46 -7.11 2.34 15.11
C LYS A 46 -8.13 2.26 16.13
C LYS A 46 -8.34 2.29 16.02
N LYS A 47 -8.71 1.08 16.38
CA LYS A 47 -9.73 0.84 17.42
C LYS A 47 -9.21 -0.33 18.21
N GLY A 48 -8.79 -0.13 19.42
CA GLY A 48 -8.21 -1.23 20.14
C GLY A 48 -6.98 -1.66 19.38
N ASP A 49 -6.81 -2.95 19.14
N ASP A 49 -6.84 -2.96 19.22
CA ASP A 49 -5.64 -3.46 18.42
CA ASP A 49 -5.69 -3.52 18.53
C ASP A 49 -5.92 -3.69 16.94
C ASP A 49 -5.93 -3.73 17.02
N ILE A 50 -7.05 -3.18 16.46
CA ILE A 50 -7.37 -3.31 15.04
C ILE A 50 -7.04 -2.01 14.34
N ILE A 51 -6.11 -2.08 13.40
CA ILE A 51 -5.68 -0.96 12.58
C ILE A 51 -6.42 -1.02 11.26
N THR A 52 -6.86 0.14 10.78
CA THR A 52 -7.51 0.25 9.48
C THR A 52 -6.70 1.21 8.61
N ILE A 53 -6.48 0.79 7.37
CA ILE A 53 -5.87 1.62 6.33
C ILE A 53 -6.88 1.74 5.22
N ARG A 54 -7.42 2.94 5.04
CA ARG A 54 -8.41 3.22 3.99
C ARG A 54 -7.76 4.11 2.95
N THR A 55 -7.89 3.73 1.70
CA THR A 55 -7.40 4.52 0.58
C THR A 55 -8.59 5.05 -0.20
N GLU A 56 -8.58 6.34 -0.48
CA GLU A 56 -9.66 6.97 -1.24
C GLU A 56 -9.08 7.69 -2.44
N SER A 57 -9.67 7.47 -3.60
CA SER A 57 -9.31 8.21 -4.79
C SER A 57 -10.52 8.22 -5.71
N THR A 58 -10.51 9.10 -6.70
CA THR A 58 -11.62 9.13 -7.65
C THR A 58 -11.77 7.77 -8.33
N PHE A 59 -10.69 7.17 -8.70
N PHE A 59 -10.63 7.11 -8.65
CA PHE A 59 -10.73 5.89 -9.40
CA PHE A 59 -10.70 5.87 -9.41
C PHE A 59 -11.18 4.76 -8.49
C PHE A 59 -11.11 4.69 -8.55
N LYS A 60 -10.50 4.57 -7.36
N LYS A 60 -10.54 4.58 -7.37
CA LYS A 60 -10.68 3.37 -6.54
CA LYS A 60 -10.77 3.41 -6.55
C LYS A 60 -10.55 3.73 -5.08
C LYS A 60 -10.54 3.69 -5.06
N ASN A 61 -11.41 3.12 -4.26
CA ASN A 61 -11.26 3.11 -2.82
C ASN A 61 -10.95 1.67 -2.35
N THR A 62 -10.14 1.56 -1.31
CA THR A 62 -9.85 0.28 -0.67
C THR A 62 -9.88 0.46 0.81
N GLU A 63 -10.04 -0.64 1.54
CA GLU A 63 -9.92 -0.58 2.98
C GLU A 63 -9.51 -1.94 3.50
N ILE A 64 -8.53 -1.94 4.39
CA ILE A 64 -8.12 -3.15 5.12
C ILE A 64 -8.16 -2.84 6.59
N SER A 65 -8.57 -3.84 7.38
CA SER A 65 -8.48 -3.80 8.81
C SER A 65 -7.78 -5.07 9.28
N PHE A 66 -6.88 -4.91 10.25
CA PHE A 66 -6.04 -6.03 10.63
C PHE A 66 -5.51 -5.81 12.03
N LYS A 67 -5.04 -6.94 12.61
CA LYS A 67 -4.20 -6.92 13.79
C LYS A 67 -2.79 -7.28 13.35
N LEU A 68 -1.81 -6.64 13.96
CA LEU A 68 -0.42 -6.93 13.63
C LEU A 68 -0.14 -8.42 13.85
N GLY A 69 0.53 -9.04 12.88
CA GLY A 69 0.94 -10.41 13.00
C GLY A 69 -0.11 -11.45 12.66
N GLN A 70 -1.30 -11.03 12.24
CA GLN A 70 -2.43 -11.92 12.03
C GLN A 70 -2.85 -11.85 10.56
N GLU A 71 -2.65 -12.93 9.83
N GLU A 71 -2.54 -12.89 9.83
CA GLU A 71 -3.00 -12.99 8.41
CA GLU A 71 -2.89 -12.95 8.41
C GLU A 71 -4.46 -12.81 8.18
C GLU A 71 -4.36 -12.71 8.23
N PHE A 72 -4.75 -12.17 7.07
CA PHE A 72 -6.12 -11.86 6.71
C PHE A 72 -6.28 -11.87 5.20
N GLU A 73 -7.54 -11.98 4.77
CA GLU A 73 -7.87 -11.93 3.36
C GLU A 73 -8.06 -10.48 2.94
N GLU A 74 -7.45 -10.13 1.82
CA GLU A 74 -7.47 -8.78 1.29
C GLU A 74 -7.95 -8.79 -0.16
N THR A 75 -8.72 -7.84 -0.57
N THR A 75 -8.66 -7.69 -0.50
CA THR A 75 -9.04 -7.77 -1.98
CA THR A 75 -8.97 -7.21 -1.86
C THR A 75 -8.47 -6.43 -2.40
C THR A 75 -8.17 -5.94 -2.17
N THR A 76 -7.41 -6.44 -3.19
N THR A 76 -7.34 -6.03 -3.17
CA THR A 76 -6.67 -5.20 -3.43
CA THR A 76 -6.48 -4.93 -3.55
C THR A 76 -7.39 -4.29 -4.43
C THR A 76 -7.20 -3.99 -4.51
N ALA A 77 -6.80 -3.12 -4.63
N ALA A 77 -6.57 -2.87 -4.79
CA ALA A 77 -7.37 -2.16 -5.56
CA ALA A 77 -7.21 -1.85 -5.64
C ALA A 77 -7.62 -2.76 -6.92
C ALA A 77 -7.37 -2.30 -7.10
N ASP A 78 -6.72 -3.60 -7.40
N ASP A 78 -6.51 -3.21 -7.52
CA ASP A 78 -6.80 -4.29 -8.66
CA ASP A 78 -6.51 -3.83 -8.83
C ASP A 78 -7.45 -5.68 -8.54
C ASP A 78 -7.29 -5.13 -8.85
N ASN A 79 -8.17 -5.91 -7.45
N ASN A 79 -7.99 -5.40 -7.76
CA ASN A 79 -8.99 -7.10 -7.28
CA ASN A 79 -8.90 -6.53 -7.65
C ASN A 79 -8.19 -8.30 -7.29
C ASN A 79 -8.22 -7.92 -7.51
N ARG A 80 -7.00 -8.07 -6.90
CA ARG A 80 -6.39 -9.31 -6.47
C ARG A 80 -6.98 -9.74 -5.13
N LYS A 81 -7.19 -11.04 -4.97
CA LYS A 81 -7.60 -11.66 -3.69
C LYS A 81 -6.36 -12.28 -3.07
N THR A 82 -5.85 -11.65 -2.03
CA THR A 82 -4.58 -12.05 -1.46
C THR A 82 -4.74 -12.50 -0.03
N LYS A 83 -3.75 -13.28 0.41
CA LYS A 83 -3.54 -13.58 1.83
C LYS A 83 -2.44 -12.64 2.29
N SER A 84 -2.77 -11.78 3.23
CA SER A 84 -1.92 -10.66 3.60
C SER A 84 -1.58 -10.70 5.08
N ILE A 85 -0.51 -10.02 5.42
CA ILE A 85 -0.12 -9.84 6.81
C ILE A 85 0.55 -8.48 6.92
N VAL A 86 0.35 -7.84 8.06
CA VAL A 86 1.03 -6.59 8.40
C VAL A 86 1.75 -6.80 9.72
N THR A 87 3.02 -6.45 9.76
CA THR A 87 3.83 -6.53 10.96
C THR A 87 4.71 -5.30 11.02
N LEU A 88 5.34 -5.10 12.18
CA LEU A 88 6.27 -4.00 12.38
C LEU A 88 7.70 -4.47 12.26
N GLN A 89 8.55 -3.59 11.83
N GLN A 89 8.58 -3.56 11.79
CA GLN A 89 9.99 -3.79 11.92
CA GLN A 89 10.02 -3.79 11.79
C GLN A 89 10.62 -2.42 12.09
C GLN A 89 10.70 -2.44 12.00
N ARG A 90 11.27 -2.19 13.20
CA ARG A 90 11.87 -0.89 13.47
C ARG A 90 10.90 0.25 13.23
N GLY A 91 9.66 0.04 13.61
CA GLY A 91 8.65 1.05 13.50
C GLY A 91 8.01 1.18 12.12
N SER A 92 8.52 0.49 11.11
CA SER A 92 7.95 0.46 9.78
C SER A 92 6.75 -0.51 9.78
N LEU A 93 5.68 -0.08 9.15
CA LEU A 93 4.43 -0.82 9.06
C LEU A 93 4.47 -1.59 7.75
N ASN A 94 4.72 -2.88 7.80
CA ASN A 94 5.12 -3.64 6.65
C ASN A 94 4.05 -4.67 6.26
N GLN A 95 3.56 -4.56 5.04
CA GLN A 95 2.51 -5.40 4.51
C GLN A 95 3.07 -6.35 3.48
N VAL A 96 2.68 -7.62 3.54
CA VAL A 96 2.98 -8.60 2.51
C VAL A 96 1.65 -9.12 1.98
N GLN A 97 1.56 -9.21 0.66
CA GLN A 97 0.40 -9.81 -0.01
C GLN A 97 0.89 -10.99 -0.82
N ARG A 98 0.25 -12.16 -0.65
N ARG A 98 0.15 -12.10 -0.68
CA ARG A 98 0.66 -13.38 -1.40
CA ARG A 98 0.45 -13.32 -1.41
C ARG A 98 -0.58 -13.95 -2.08
C ARG A 98 -0.76 -13.81 -2.18
N TRP A 99 -0.51 -14.26 -3.40
CA TRP A 99 -1.58 -14.80 -4.21
C TRP A 99 -0.94 -15.58 -5.33
N ASP A 100 -1.49 -16.72 -5.71
N ASP A 100 -1.67 -16.60 -5.77
CA ASP A 100 -1.07 -17.42 -6.92
CA ASP A 100 -1.16 -17.44 -6.84
C ASP A 100 0.42 -17.60 -7.07
C ASP A 100 0.17 -17.87 -6.19
N GLY A 101 1.07 -17.90 -5.94
N GLY A 101 1.30 -17.92 -6.87
CA GLY A 101 2.51 -18.14 -6.14
CA GLY A 101 2.49 -18.13 -6.06
C GLY A 101 3.35 -16.86 -6.28
C GLY A 101 3.38 -16.89 -6.08
N LYS A 102 2.74 -15.71 -6.08
CA LYS A 102 3.37 -14.40 -6.20
CA LYS A 102 3.40 -14.41 -6.17
C LYS A 102 3.34 -13.70 -4.84
N GLU A 103 4.16 -12.65 -4.71
N GLU A 103 4.22 -12.70 -4.64
CA GLU A 103 4.26 -11.91 -3.48
CA GLU A 103 4.07 -11.84 -3.47
C GLU A 103 4.60 -10.47 -3.84
C GLU A 103 4.65 -10.46 -3.76
N THR A 104 4.04 -9.51 -3.07
CA THR A 104 4.51 -8.14 -3.12
C THR A 104 4.52 -7.59 -1.70
N THR A 105 5.41 -6.62 -1.46
CA THR A 105 5.52 -5.97 -0.17
C THR A 105 5.28 -4.48 -0.33
N ILE A 106 4.63 -3.94 0.69
CA ILE A 106 4.36 -2.48 0.80
CA ILE A 106 4.44 -2.50 0.83
C ILE A 106 4.84 -2.11 2.22
N LYS A 107 5.93 -1.37 2.32
CA LYS A 107 6.49 -0.96 3.62
CA LYS A 107 6.49 -0.99 3.59
C LYS A 107 6.23 0.50 3.78
N ARG A 108 5.51 0.86 4.83
CA ARG A 108 5.11 2.24 5.10
C ARG A 108 5.87 2.71 6.34
N LYS A 109 6.68 3.73 6.17
CA LYS A 109 7.52 4.22 7.26
C LYS A 109 7.43 5.74 7.33
N LEU A 110 7.64 6.25 8.53
CA LEU A 110 7.67 7.69 8.75
C LEU A 110 9.10 8.18 8.59
N VAL A 111 9.26 9.24 7.79
CA VAL A 111 10.56 9.80 7.46
C VAL A 111 10.39 11.31 7.55
N ASN A 112 10.98 11.93 8.59
CA ASN A 112 10.87 13.38 8.77
C ASN A 112 9.39 13.84 8.73
N GLY A 113 8.50 13.05 9.32
CA GLY A 113 7.09 13.38 9.38
C GLY A 113 6.28 13.08 8.14
N LYS A 114 6.91 12.65 7.06
N LYS A 114 6.94 12.62 7.08
CA LYS A 114 6.23 12.20 5.83
CA LYS A 114 6.27 12.15 5.87
C LYS A 114 5.99 10.70 6.01
C LYS A 114 6.09 10.64 5.93
N MET A 115 5.06 10.14 5.27
CA MET A 115 4.91 8.69 5.18
CA MET A 115 4.85 8.70 5.17
C MET A 115 5.42 8.26 3.82
N VAL A 116 6.35 7.32 3.81
CA VAL A 116 6.95 6.80 2.60
C VAL A 116 6.52 5.36 2.46
N ALA A 117 5.87 5.04 1.35
CA ALA A 117 5.48 3.69 1.01
C ALA A 117 6.43 3.17 -0.06
N GLU A 118 7.15 2.10 0.27
CA GLU A 118 8.02 1.41 -0.67
CA GLU A 118 8.02 1.43 -0.68
C GLU A 118 7.32 0.14 -1.10
N CYS A 119 7.09 0.01 -2.39
N CYS A 119 7.00 0.02 -2.37
CA CYS A 119 6.27 -1.05 -2.96
CA CYS A 119 6.30 -1.13 -2.92
C CYS A 119 7.17 -1.88 -3.89
C CYS A 119 7.26 -1.92 -3.79
N LYS A 120 7.32 -3.17 -3.59
N LYS A 120 7.30 -3.22 -3.57
CA LYS A 120 8.24 -4.03 -4.35
CA LYS A 120 8.32 -4.00 -4.26
C LYS A 120 7.49 -5.24 -4.92
C LYS A 120 7.68 -5.26 -4.76
N MET A 121 7.66 -5.49 -6.23
N MET A 121 8.07 -5.64 -5.95
CA MET A 121 7.16 -6.68 -6.93
CA MET A 121 7.68 -6.95 -6.46
C MET A 121 8.20 -7.12 -7.93
C MET A 121 8.67 -7.34 -7.53
N LYS A 122 8.65 -8.33 -7.82
N LYS A 122 9.07 -8.58 -7.56
CA LYS A 122 9.76 -8.80 -8.65
CA LYS A 122 9.83 -9.06 -8.74
C LYS A 122 10.94 -7.84 -8.40
C LYS A 122 10.93 -8.06 -9.16
N GLY A 123 11.60 -7.35 -9.45
N GLY A 123 11.66 -7.51 -8.17
CA GLY A 123 12.69 -6.43 -9.22
CA GLY A 123 12.79 -6.58 -8.33
C GLY A 123 12.28 -5.01 -9.00
C GLY A 123 12.44 -5.16 -8.77
N VAL A 124 11.00 -4.71 -9.17
N VAL A 124 11.17 -4.89 -8.78
CA VAL A 124 10.52 -3.34 -9.34
CA VAL A 124 10.70 -3.59 -9.17
C VAL A 124 10.26 -2.77 -8.00
C VAL A 124 10.43 -2.82 -7.87
N VAL A 125 10.85 -1.58 -7.77
CA VAL A 125 10.65 -0.82 -6.54
C VAL A 125 10.02 0.51 -6.90
N CYS A 126 8.92 0.80 -6.25
CA CYS A 126 8.19 2.03 -6.37
C CYS A 126 8.18 2.73 -5.01
N THR A 127 8.35 4.05 -5.02
CA THR A 127 8.34 4.85 -3.82
C THR A 127 7.25 5.90 -3.91
N ARG A 128 6.38 5.96 -2.93
CA ARG A 128 5.27 6.90 -2.87
C ARG A 128 5.38 7.68 -1.57
N ILE A 129 5.41 9.00 -1.67
CA ILE A 129 5.59 9.88 -0.53
C ILE A 129 4.28 10.61 -0.26
N TYR A 130 3.88 10.62 1.00
CA TYR A 130 2.66 11.23 1.45
C TYR A 130 2.97 12.31 2.48
N GLU A 131 2.20 13.42 2.38
CA GLU A 131 2.15 14.47 3.38
C GLU A 131 0.97 14.27 4.30
N LYS A 132 1.16 14.59 5.59
N LYS A 132 1.14 14.58 5.56
CA LYS A 132 0.06 14.59 6.55
CA LYS A 132 0.03 14.50 6.48
C LYS A 132 -0.86 15.78 6.28
C LYS A 132 -0.86 15.73 6.30
N VAL A 133 -2.15 15.52 6.18
CA VAL A 133 -3.11 16.57 5.86
C VAL A 133 -4.29 16.57 6.84
C1 CIT B . -3.38 -3.74 -22.57
C1 CIT B . -2.83 -3.55 -22.54
O1 CIT B . -2.40 -3.92 -23.41
O1 CIT B . -1.74 -3.37 -23.17
O2 CIT B . -3.10 -3.67 -21.35
O2 CIT B . -2.92 -3.90 -21.34
C2 CIT B . -4.77 -3.60 -23.17
C2 CIT B . -4.18 -3.33 -23.22
C3 CIT B . -5.90 -3.93 -22.22
C3 CIT B . -5.41 -3.88 -22.47
O7 CIT B . -5.77 -5.26 -21.76
O7 CIT B . -5.14 -5.24 -22.12
C4 CIT B . -7.27 -3.74 -22.83
C4 CIT B . -6.52 -3.83 -23.47
C5 CIT B . -7.64 -4.67 -23.94
C5 CIT B . -7.85 -4.45 -23.15
O3 CIT B . -8.32 -5.68 -23.66
O3 CIT B . -8.69 -4.68 -24.04
O4 CIT B . -7.23 -4.36 -25.11
O4 CIT B . -8.11 -4.70 -21.98
C6 CIT B . -5.89 -3.00 -21.03
C6 CIT B . -5.74 -3.04 -21.19
O5 CIT B . -5.94 -3.52 -19.93
O5 CIT B . -5.85 -3.59 -20.05
O6 CIT B . -5.91 -1.76 -21.21
O6 CIT B . -5.84 -1.78 -21.34
H21 CIT B . -4.90 -2.58 -23.53
H21 CIT B . -4.31 -2.27 -23.38
H22 CIT B . -4.84 -4.27 -24.02
H22 CIT B . -4.12 -3.80 -24.20
HO7 CIT B . -5.71 -5.27 -20.77
HO7 CIT B . -5.21 -5.34 -21.14
H41 CIT B . -7.34 -2.72 -23.19
H41 CIT B . -6.17 -4.30 -24.38
H42 CIT B . -8.01 -3.83 -22.05
H42 CIT B . -6.69 -2.78 -23.72
C1 CIT C . -9.43 15.61 -7.03
O1 CIT C . -10.23 16.18 -7.83
O2 CIT C . -9.46 15.97 -5.80
C2 CIT C . -8.71 14.38 -7.49
C3 CIT C . -7.37 14.10 -6.71
O7 CIT C . -7.70 14.09 -5.25
C4 CIT C . -6.83 12.78 -7.02
C5 CIT C . -7.59 11.47 -6.94
O3 CIT C . -8.77 11.42 -6.58
O4 CIT C . -6.92 10.47 -7.32
C6 CIT C . -6.28 15.19 -7.03
O5 CIT C . -6.23 15.72 -8.16
O6 CIT C . -5.44 15.45 -6.13
H21 CIT C . -8.48 14.46 -8.55
H22 CIT C . -9.40 13.53 -7.41
HO7 CIT C . -7.24 14.84 -4.81
H41 CIT C . -5.97 12.66 -6.35
H42 CIT C . -6.43 12.84 -8.03
C1 PLM D . 0.25 2.98 -1.40
O1 PLM D . 0.86 4.03 -1.76
O2 PLM D . -0.56 2.92 -0.46
C2 PLM D . 0.43 1.71 -2.26
C3 PLM D . -0.72 1.38 -3.19
C4 PLM D . -0.49 0.22 -4.14
C5 PLM D . -1.60 -0.01 -4.97
C6 PLM D . -1.31 -1.12 -5.89
C7 PLM D . -2.42 -1.80 -6.41
C8 PLM D . -2.43 -1.61 -7.79
C9 PLM D . -2.98 -0.34 -8.09
CA PLM D . -3.51 -0.38 -9.48
CB PLM D . -4.91 0.14 -9.61
CC PLM D . -4.92 1.62 -9.52
CD PLM D . -5.50 2.25 -8.26
CE PLM D . -4.96 3.58 -7.96
CF PLM D . -5.39 4.16 -6.64
CG PLM D . -4.76 3.39 -5.37
H21 PLM D . 1.34 1.82 -2.81
H22 PLM D . 0.59 0.88 -1.55
H31 PLM D . -1.63 1.19 -2.59
H32 PLM D . -0.97 2.28 -3.80
H41 PLM D . 0.40 0.42 -4.76
H42 PLM D . -0.25 -0.68 -3.55
H51 PLM D . -2.47 -0.26 -4.35
H52 PLM D . -1.85 0.90 -5.54
H61 PLM D . -0.69 -0.73 -6.69
H62 PLM D . -0.68 -1.86 -5.35
H71 PLM D . -3.35 -1.44 -5.94
H72 PLM D . -2.34 -2.86 -6.18
H81 PLM D . -3.05 -2.40 -8.24
H82 PLM D . -1.43 -1.72 -8.25
H91 PLM D . -3.79 -0.08 -7.40
H92 PLM D . -2.21 0.44 -8.00
HA1 PLM D . -3.44 -1.39 -9.90
HA2 PLM D . -2.87 0.21 -10.08
HB1 PLM D . -5.53 -0.29 -8.81
HB2 PLM D . -5.34 -0.18 -10.56
HC1 PLM D . -5.47 2.02 -10.39
HC2 PLM D . -3.89 2.00 -9.64
HD1 PLM D . -6.59 2.34 -8.37
HD2 PLM D . -5.33 1.59 -7.41
HE1 PLM D . -5.23 4.29 -8.76
HE2 PLM D . -3.84 3.54 -7.98
HF1 PLM D . -6.49 4.10 -6.58
HF2 PLM D . -5.14 5.21 -6.60
HG1 PLM D . -4.99 3.91 -4.44
HG2 PLM D . -5.13 2.37 -5.29
HG3 PLM D . -3.66 3.33 -5.46
O2 VCA E . 0.80 4.04 -1.79
C1 VCA E . 0.31 2.97 -1.38
O1 VCA E . -0.54 2.93 -0.47
C2 VCA E . 0.83 1.72 -1.97
C3 VCA E . -0.19 0.78 -2.52
C4 VCA E . -0.92 1.40 -3.74
C5 VCA E . -1.89 0.49 -4.47
C6 VCA E . -1.18 -0.62 -5.20
C7 VCA E . -2.02 -1.53 -6.09
C8 VCA E . -2.50 -0.80 -7.35
C9 VCA E . -3.11 -1.56 -8.44
C10 VCA E . -3.76 -0.78 -9.52
C11 VCA E . -5.14 -0.30 -9.16
C12 VCA E . -5.64 0.90 -9.02
C13 VCA E . -4.93 2.15 -9.33
C14 VCA E . -5.13 3.17 -8.19
C15 VCA E . -4.36 2.75 -6.95
C16 VCA E . -4.37 3.79 -5.91
C17 VCA E . -5.80 3.99 -5.30
C18 VCA E . -6.51 2.84 -4.74
H21 VCA E . 1.34 1.28 -1.29
H22 VCA E . 1.44 1.97 -2.70
H31 VCA E . 0.24 -0.05 -2.79
H32 VCA E . -0.86 0.58 -1.83
H41 VCA E . -0.24 1.68 -4.37
H42 VCA E . -1.41 2.18 -3.44
H51 VCA E . -2.40 1.01 -5.11
H52 VCA E . -2.50 0.11 -3.82
H61 VCA E . -0.49 -0.22 -5.75
H62 VCA E . -0.74 -1.18 -4.51
H71 VCA E . -2.79 -1.85 -5.59
H72 VCA E . -1.48 -2.30 -6.36
H81 VCA E . -3.14 -0.11 -7.06
H82 VCA E . -1.73 -0.31 -7.72
H91 VCA E . -3.78 -2.13 -8.03
H92 VCA E . -2.42 -2.13 -8.83
H101 VCA E . -3.20 -0.02 -9.72
H102 VCA E . -3.82 -1.33 -10.32
H11 VCA E . -5.73 -0.99 -8.92
H12 VCA E . -6.53 0.97 -8.77
H131 VCA E . -3.97 1.97 -9.42
H132 VCA E . -5.28 2.53 -10.14
H141 VCA E . -4.81 4.04 -8.49
H142 VCA E . -6.07 3.23 -7.98
H151 VCA E . -4.75 1.94 -6.58
H152 VCA E . -3.44 2.58 -7.17
H161 VCA E . -4.08 4.62 -6.30
H162 VCA E . -3.76 3.54 -5.19
H171 VCA E . -5.71 4.64 -4.59
H172 VCA E . -6.36 4.37 -5.98
H181 VCA E . -5.91 2.34 -4.14
H182 VCA E . -7.27 3.15 -4.23
H183 VCA E . -6.80 2.26 -5.45
#